data_4WKO
#
_entry.id   4WKO
#
_cell.length_a   157.256
_cell.length_b   157.256
_cell.length_c   157.256
_cell.angle_alpha   90.000
_cell.angle_beta   90.000
_cell.angle_gamma   90.000
#
_symmetry.space_group_name_H-M   'I 4 3 2'
#
loop_
_entity.id
_entity.type
_entity.pdbx_description
1 polymer 'Aminodeoxyfutalosine nucleosidase'
2 non-polymer (3R,4S)-1-[(4-amino-5H-pyrrolo[3,2-d]pyrimidin-7-yl)methyl]-4-{[(4-hydroxybutyl)sulfanyl]methyl}pyrrolidin-3-ol
3 water water
#
_entity_poly.entity_id   1
_entity_poly.type   'polypeptide(L)'
_entity_poly.pdbx_seq_one_letter_code
;MGHHHHHHENLYFQGVQKIGILGAMREEITPILELFGVDFEEIPLGGNVFHKGVYHNKEIIVAYSKIGKVHSTLTTTSMI
LAFGVQKVLFSGVAGSLVKDLKINDLLVATQLVQHDVDLSAFDHPLGFIPESAIFIETSGSLNALAKKIANEQHIALKEG
VIASGDQFVHSKERKEFLVSEFKASAVEMEGASVAFVCQKFGVPCCVLRSISDNADEKAGMSFDEFLEKSAHTSAKFLKS
MVDEL
;
_entity_poly.pdbx_strand_id   A
#
loop_
_chem_comp.id
_chem_comp.type
_chem_comp.name
_chem_comp.formula
GMD non-polymer (3R,4S)-1-[(4-amino-5H-pyrrolo[3,2-d]pyrimidin-7-yl)methyl]-4-{[(4-hydroxybutyl)sulfanyl]methyl}pyrrolidin-3-ol 'C16 H25 N5 O2 S'
#
# COMPACT_ATOMS: atom_id res chain seq x y z
N VAL A 16 -21.76 -9.45 9.02
CA VAL A 16 -20.47 -9.09 9.68
C VAL A 16 -19.68 -8.05 8.88
N GLN A 17 -18.67 -7.48 9.50
CA GLN A 17 -17.78 -6.54 8.85
C GLN A 17 -16.96 -7.28 7.80
N LYS A 18 -16.82 -6.70 6.61
CA LYS A 18 -15.99 -7.28 5.55
C LYS A 18 -14.79 -6.39 5.30
N ILE A 19 -13.60 -6.96 5.42
CA ILE A 19 -12.36 -6.22 5.30
C ILE A 19 -11.53 -6.81 4.15
N GLY A 20 -11.22 -5.98 3.16
CA GLY A 20 -10.33 -6.36 2.09
C GLY A 20 -8.89 -6.08 2.49
N ILE A 21 -8.01 -7.04 2.20
CA ILE A 21 -6.60 -6.92 2.52
C ILE A 21 -5.80 -7.24 1.27
N LEU A 22 -4.97 -6.28 0.86
CA LEU A 22 -4.27 -6.37 -0.39
C LEU A 22 -2.78 -6.27 -0.23
N GLY A 23 -2.06 -7.09 -1.00
CA GLY A 23 -0.67 -6.85 -1.34
C GLY A 23 -0.51 -6.80 -2.85
N ALA A 24 0.68 -6.43 -3.33
CA ALA A 24 0.93 -6.44 -4.76
C ALA A 24 1.47 -7.79 -5.25
N MET A 25 2.46 -8.33 -4.51
CA MET A 25 3.11 -9.58 -4.88
C MET A 25 2.67 -10.70 -3.95
N ARG A 26 2.79 -11.94 -4.40
CA ARG A 26 2.48 -13.09 -3.54
C ARG A 26 3.27 -13.04 -2.22
N GLU A 27 4.53 -12.64 -2.29
CA GLU A 27 5.37 -12.54 -1.09
C GLU A 27 4.80 -11.58 -0.06
N GLU A 28 4.01 -10.58 -0.50
CA GLU A 28 3.41 -9.64 0.46
C GLU A 28 2.20 -10.20 1.20
N ILE A 29 1.51 -11.18 0.62
CA ILE A 29 0.35 -11.77 1.30
C ILE A 29 0.61 -13.13 1.95
N THR A 30 1.68 -13.81 1.56
CA THR A 30 2.02 -15.08 2.22
C THR A 30 2.06 -14.96 3.75
N PRO A 31 2.79 -13.96 4.30
CA PRO A 31 2.80 -13.79 5.75
C PRO A 31 1.44 -13.38 6.34
N ILE A 32 0.63 -12.64 5.57
CA ILE A 32 -0.70 -12.27 6.02
C ILE A 32 -1.55 -13.52 6.24
N LEU A 33 -1.58 -14.40 5.23
CA LEU A 33 -2.38 -15.65 5.33
C LEU A 33 -1.91 -16.53 6.52
N GLU A 34 -0.61 -16.64 6.69
CA GLU A 34 -0.01 -17.41 7.78
C GLU A 34 -0.30 -16.79 9.14
N LEU A 35 -0.14 -15.49 9.26
CA LEU A 35 -0.34 -14.82 10.55
C LEU A 35 -1.78 -14.86 11.04
N PHE A 36 -2.76 -14.70 10.16
CA PHE A 36 -4.16 -14.82 10.56
C PHE A 36 -4.46 -16.25 11.01
N GLY A 37 -3.87 -17.22 10.34
CA GLY A 37 -3.89 -18.61 10.78
C GLY A 37 -5.23 -19.31 10.73
N VAL A 38 -6.17 -18.79 9.93
CA VAL A 38 -7.47 -19.40 9.73
C VAL A 38 -7.55 -20.09 8.38
N ASP A 39 -8.61 -20.86 8.15
CA ASP A 39 -8.82 -21.47 6.84
C ASP A 39 -9.35 -20.42 5.89
N PHE A 40 -8.98 -20.55 4.62
CA PHE A 40 -9.44 -19.64 3.57
C PHE A 40 -10.05 -20.44 2.43
N GLU A 41 -11.10 -19.91 1.84
CA GLU A 41 -11.65 -20.39 0.59
C GLU A 41 -11.04 -19.54 -0.53
N GLU A 42 -10.56 -20.18 -1.59
CA GLU A 42 -9.97 -19.47 -2.73
C GLU A 42 -11.04 -19.23 -3.79
N ILE A 43 -11.22 -17.98 -4.17
CA ILE A 43 -12.21 -17.60 -5.15
C ILE A 43 -11.54 -16.82 -6.29
N PRO A 44 -11.45 -17.41 -7.49
CA PRO A 44 -10.83 -16.69 -8.61
C PRO A 44 -11.78 -15.71 -9.26
N LEU A 45 -11.29 -14.51 -9.55
CA LEU A 45 -12.08 -13.52 -10.28
C LEU A 45 -11.15 -12.51 -10.95
N GLY A 46 -11.38 -12.29 -12.24
CA GLY A 46 -10.60 -11.31 -12.99
C GLY A 46 -9.10 -11.53 -13.00
N GLY A 47 -8.67 -12.79 -12.90
CA GLY A 47 -7.26 -13.13 -12.92
C GLY A 47 -6.58 -13.01 -11.56
N ASN A 48 -7.35 -12.70 -10.51
CA ASN A 48 -6.86 -12.67 -9.14
C ASN A 48 -7.48 -13.84 -8.37
N VAL A 49 -6.79 -14.27 -7.31
CA VAL A 49 -7.35 -15.26 -6.38
C VAL A 49 -7.63 -14.56 -5.05
N PHE A 50 -8.89 -14.54 -4.66
CA PHE A 50 -9.33 -13.96 -3.40
C PHE A 50 -9.47 -15.03 -2.33
N HIS A 51 -8.75 -14.85 -1.22
CA HIS A 51 -8.77 -15.78 -0.11
C HIS A 51 -9.76 -15.27 0.91
N LYS A 52 -10.87 -15.97 1.09
CA LYS A 52 -11.94 -15.50 1.96
C LYS A 52 -11.95 -16.30 3.23
N GLY A 53 -11.85 -15.63 4.36
CA GLY A 53 -11.82 -16.31 5.65
C GLY A 53 -12.60 -15.56 6.68
N VAL A 54 -12.76 -16.17 7.85
CA VAL A 54 -13.39 -15.51 9.00
C VAL A 54 -12.39 -15.45 10.13
N TYR A 55 -12.18 -14.26 10.67
CA TYR A 55 -11.18 -14.03 11.70
C TYR A 55 -11.73 -13.01 12.69
N HIS A 56 -11.85 -13.43 13.95
CA HIS A 56 -12.37 -12.57 15.02
C HIS A 56 -13.69 -11.93 14.61
N ASN A 57 -14.57 -12.74 14.07
CA ASN A 57 -15.93 -12.32 13.76
C ASN A 57 -16.02 -11.29 12.60
N LYS A 58 -14.97 -11.26 11.79
CA LYS A 58 -14.92 -10.43 10.60
C LYS A 58 -14.65 -11.32 9.41
N GLU A 59 -15.19 -10.93 8.27
CA GLU A 59 -14.86 -11.61 7.04
C GLU A 59 -13.65 -10.90 6.46
N ILE A 60 -12.56 -11.63 6.26
CA ILE A 60 -11.36 -11.05 5.64
C ILE A 60 -11.17 -11.64 4.25
N ILE A 61 -10.91 -10.75 3.29
CA ILE A 61 -10.74 -11.12 1.90
C ILE A 61 -9.33 -10.67 1.52
N VAL A 62 -8.43 -11.63 1.29
CA VAL A 62 -7.02 -11.35 1.07
C VAL A 62 -6.65 -11.70 -0.37
N ALA A 63 -5.90 -10.81 -1.03
CA ALA A 63 -5.41 -11.07 -2.39
C ALA A 63 -4.16 -10.29 -2.70
N TYR A 64 -3.33 -10.82 -3.59
CA TYR A 64 -2.30 -10.00 -4.21
C TYR A 64 -2.77 -9.60 -5.61
N SER A 65 -2.54 -8.34 -5.95
CA SER A 65 -3.05 -7.77 -7.18
C SER A 65 -2.24 -8.14 -8.40
N LYS A 66 -0.96 -8.41 -8.18
CA LYS A 66 0.11 -8.38 -9.17
C LYS A 66 0.59 -6.92 -9.29
N ILE A 67 1.78 -6.76 -9.81
CA ILE A 67 2.51 -5.49 -9.73
C ILE A 67 1.90 -4.38 -10.60
N GLY A 68 1.88 -3.17 -10.05
CA GLY A 68 1.62 -1.97 -10.83
C GLY A 68 0.20 -1.45 -10.77
N LYS A 69 -0.02 -0.33 -11.46
CA LYS A 69 -1.23 0.45 -11.29
C LYS A 69 -2.48 -0.17 -11.89
N VAL A 70 -2.37 -0.78 -13.06
CA VAL A 70 -3.51 -1.40 -13.71
C VAL A 70 -3.95 -2.63 -12.89
N HIS A 71 -3.00 -3.50 -12.55
CA HIS A 71 -3.30 -4.67 -11.73
C HIS A 71 -4.01 -4.27 -10.43
N SER A 72 -3.44 -3.30 -9.71
CA SER A 72 -3.97 -2.90 -8.40
C SER A 72 -5.33 -2.19 -8.52
N THR A 73 -5.54 -1.41 -9.58
CA THR A 73 -6.84 -0.79 -9.83
C THR A 73 -7.95 -1.86 -10.03
N LEU A 74 -7.64 -2.84 -10.87
CA LEU A 74 -8.57 -3.92 -11.15
C LEU A 74 -8.93 -4.69 -9.87
N THR A 75 -7.92 -5.07 -9.12
CA THR A 75 -8.16 -5.92 -7.93
C THR A 75 -8.97 -5.18 -6.88
N THR A 76 -8.65 -3.90 -6.69
CA THR A 76 -9.39 -3.10 -5.72
C THR A 76 -10.85 -2.94 -6.13
N THR A 77 -11.08 -2.70 -7.43
CA THR A 77 -12.40 -2.52 -7.95
C THR A 77 -13.21 -3.82 -7.77
N SER A 78 -12.59 -4.94 -8.07
CA SER A 78 -13.20 -6.25 -7.83
C SER A 78 -13.56 -6.49 -6.37
N MET A 79 -12.65 -6.16 -5.46
CA MET A 79 -12.91 -6.31 -4.03
C MET A 79 -14.14 -5.56 -3.60
N ILE A 80 -14.26 -4.33 -4.06
CA ILE A 80 -15.38 -3.49 -3.69
C ILE A 80 -16.68 -3.95 -4.38
N LEU A 81 -16.66 -4.10 -5.71
CA LEU A 81 -17.89 -4.39 -6.44
C LEU A 81 -18.34 -5.83 -6.31
N ALA A 82 -17.42 -6.78 -6.28
CA ALA A 82 -17.80 -8.19 -6.27
C ALA A 82 -17.85 -8.79 -4.88
N PHE A 83 -17.02 -8.33 -3.97
CA PHE A 83 -16.99 -8.87 -2.62
C PHE A 83 -17.60 -7.94 -1.57
N GLY A 84 -17.92 -6.71 -1.94
CA GLY A 84 -18.56 -5.78 -1.03
C GLY A 84 -17.78 -5.42 0.21
N VAL A 85 -16.46 -5.35 0.14
CA VAL A 85 -15.67 -4.98 1.32
C VAL A 85 -15.99 -3.56 1.77
N GLN A 86 -15.88 -3.33 3.06
CA GLN A 86 -16.22 -2.05 3.67
C GLN A 86 -15.02 -1.23 4.05
N LYS A 87 -13.84 -1.86 4.04
CA LYS A 87 -12.58 -1.17 4.26
C LYS A 87 -11.54 -1.92 3.45
N VAL A 88 -10.51 -1.21 3.00
CA VAL A 88 -9.38 -1.85 2.33
C VAL A 88 -8.10 -1.45 3.03
N LEU A 89 -7.33 -2.47 3.42
CA LEU A 89 -6.02 -2.27 4.03
C LEU A 89 -5.01 -2.86 3.08
N PHE A 90 -4.03 -2.05 2.68
CA PHE A 90 -2.97 -2.52 1.82
C PHE A 90 -1.70 -2.69 2.66
N SER A 91 -1.01 -3.80 2.47
CA SER A 91 0.23 -4.11 3.18
C SER A 91 1.29 -4.59 2.21
N GLY A 92 2.49 -4.02 2.30
CA GLY A 92 3.56 -4.42 1.42
C GLY A 92 4.83 -3.66 1.73
N VAL A 93 5.73 -3.65 0.76
CA VAL A 93 7.03 -3.03 0.91
C VAL A 93 7.13 -1.78 0.03
N ALA A 94 8.17 -0.97 0.26
CA ALA A 94 8.32 0.29 -0.47
C ALA A 94 9.78 0.75 -0.48
N GLY A 95 10.11 1.63 -1.40
CA GLY A 95 11.44 2.27 -1.43
C GLY A 95 11.41 3.55 -0.63
N SER A 96 12.42 3.78 0.21
CA SER A 96 12.50 5.00 1.02
C SER A 96 13.11 6.15 0.22
N LEU A 97 12.53 7.33 0.39
CA LEU A 97 13.03 8.58 -0.21
C LEU A 97 13.62 9.54 0.83
N VAL A 98 13.62 9.16 2.10
CA VAL A 98 14.06 10.05 3.18
C VAL A 98 14.96 9.32 4.16
N LYS A 99 15.94 10.05 4.68
CA LYS A 99 16.98 9.49 5.53
C LYS A 99 16.42 8.80 6.76
N ASP A 100 15.34 9.34 7.32
CA ASP A 100 14.75 8.78 8.54
C ASP A 100 13.91 7.51 8.35
N LEU A 101 13.63 7.12 7.11
CA LEU A 101 12.96 5.85 6.84
C LEU A 101 13.99 4.84 6.38
N LYS A 102 14.34 3.92 7.27
CA LYS A 102 15.37 2.92 7.01
C LYS A 102 14.76 1.56 6.74
N ILE A 103 15.55 0.64 6.20
CA ILE A 103 15.10 -0.73 5.97
C ILE A 103 14.30 -1.27 7.15
N ASN A 104 13.14 -1.83 6.84
CA ASN A 104 12.20 -2.41 7.80
C ASN A 104 11.24 -1.40 8.46
N ASP A 105 11.53 -0.10 8.39
CA ASP A 105 10.68 0.89 9.05
C ASP A 105 9.32 0.94 8.38
N LEU A 106 8.30 1.23 9.18
CA LEU A 106 6.92 1.31 8.70
C LEU A 106 6.49 2.74 8.47
N LEU A 107 5.67 2.93 7.44
CA LEU A 107 4.93 4.19 7.29
C LEU A 107 3.52 3.94 6.79
N VAL A 108 2.63 4.84 7.14
CA VAL A 108 1.29 4.89 6.55
C VAL A 108 1.24 6.11 5.62
N ALA A 109 0.58 5.94 4.49
CA ALA A 109 0.39 7.04 3.56
C ALA A 109 -0.73 7.97 4.03
N THR A 110 -0.40 9.24 4.22
CA THR A 110 -1.42 10.26 4.46
C THR A 110 -2.07 10.67 3.14
N GLN A 111 -1.25 10.79 2.10
CA GLN A 111 -1.72 11.06 0.76
C GLN A 111 -0.89 10.26 -0.23
N LEU A 112 -1.48 9.99 -1.39
CA LEU A 112 -0.74 9.35 -2.46
C LEU A 112 -0.83 10.13 -3.75
N VAL A 113 0.17 9.95 -4.58
CA VAL A 113 0.23 10.60 -5.88
C VAL A 113 0.66 9.59 -6.93
N GLN A 114 0.17 9.75 -8.16
CA GLN A 114 0.68 9.01 -9.30
C GLN A 114 1.83 9.81 -9.93
N HIS A 115 3.06 9.43 -9.61
CA HIS A 115 4.21 10.28 -9.88
C HIS A 115 4.63 10.28 -11.34
N ASP A 116 4.15 9.30 -12.11
CA ASP A 116 4.51 9.19 -13.51
C ASP A 116 3.48 9.79 -14.47
N VAL A 117 2.43 10.42 -13.94
CA VAL A 117 1.44 11.07 -14.78
C VAL A 117 1.98 12.41 -15.29
N ASP A 118 1.94 12.62 -16.61
CA ASP A 118 2.55 13.82 -17.21
C ASP A 118 1.70 14.35 -18.37
N LEU A 119 0.88 15.34 -18.06
CA LEU A 119 0.10 16.11 -19.02
C LEU A 119 0.62 17.56 -19.05
N SER A 120 1.92 17.71 -18.83
CA SER A 120 2.55 19.04 -18.81
C SER A 120 2.57 19.72 -20.19
N ALA A 121 2.38 18.95 -21.26
CA ALA A 121 2.22 19.52 -22.59
C ALA A 121 1.05 20.51 -22.66
N PHE A 122 0.07 20.36 -21.75
CA PHE A 122 -1.06 21.28 -21.67
C PHE A 122 -0.97 22.17 -20.43
N ASP A 123 0.23 22.32 -19.90
CA ASP A 123 0.51 23.15 -18.71
C ASP A 123 -0.22 22.68 -17.45
N HIS A 124 -0.58 21.39 -17.40
CA HIS A 124 -1.06 20.81 -16.15
C HIS A 124 0.14 20.49 -15.27
N PRO A 125 -0.01 20.67 -13.96
CA PRO A 125 1.05 20.25 -13.05
C PRO A 125 1.30 18.75 -13.19
N LEU A 126 2.54 18.33 -12.98
CA LEU A 126 2.84 16.90 -12.98
C LEU A 126 2.02 16.19 -11.88
N GLY A 127 1.53 14.99 -12.21
CA GLY A 127 0.69 14.22 -11.30
C GLY A 127 -0.80 14.50 -11.46
N PHE A 128 -1.16 15.54 -12.20
CA PHE A 128 -2.55 15.99 -12.31
C PHE A 128 -3.25 15.50 -13.58
N ILE A 129 -4.48 15.06 -13.41
CA ILE A 129 -5.35 14.69 -14.52
C ILE A 129 -6.66 15.46 -14.37
N PRO A 130 -7.16 16.07 -15.46
CA PRO A 130 -8.44 16.75 -15.43
C PRO A 130 -9.53 15.90 -14.80
N GLU A 131 -10.35 16.55 -13.98
CA GLU A 131 -11.46 15.91 -13.28
C GLU A 131 -10.95 14.97 -12.19
N SER A 132 -9.70 15.14 -11.77
CA SER A 132 -9.14 14.42 -10.64
C SER A 132 -8.32 15.38 -9.78
N ALA A 133 -7.28 14.89 -9.11
CA ALA A 133 -6.45 15.72 -8.24
C ALA A 133 -5.09 15.06 -8.16
N ILE A 134 -4.07 15.85 -7.84
CA ILE A 134 -2.73 15.31 -7.69
C ILE A 134 -2.65 14.34 -6.51
N PHE A 135 -3.19 14.74 -5.36
CA PHE A 135 -3.08 13.95 -4.14
C PHE A 135 -4.38 13.26 -3.78
N ILE A 136 -4.29 11.97 -3.44
CA ILE A 136 -5.43 11.19 -3.03
C ILE A 136 -5.29 10.91 -1.54
N GLU A 137 -6.34 11.19 -0.77
CA GLU A 137 -6.31 11.01 0.67
C GLU A 137 -6.72 9.60 1.08
N THR A 138 -6.20 9.16 2.22
CA THR A 138 -6.59 7.90 2.85
C THR A 138 -7.40 8.20 4.11
N SER A 139 -7.87 7.14 4.77
CA SER A 139 -8.70 7.25 5.96
C SER A 139 -7.92 7.78 7.15
N GLY A 140 -8.31 8.96 7.62
CA GLY A 140 -7.68 9.55 8.81
C GLY A 140 -7.91 8.68 10.03
N SER A 141 -9.09 8.07 10.11
CA SER A 141 -9.42 7.19 11.21
C SER A 141 -8.53 5.94 11.28
N LEU A 142 -8.32 5.29 10.14
CA LEU A 142 -7.42 4.14 10.12
C LEU A 142 -5.98 4.56 10.38
N ASN A 143 -5.56 5.70 9.83
CA ASN A 143 -4.20 6.16 10.08
C ASN A 143 -3.97 6.46 11.56
N ALA A 144 -4.98 7.04 12.21
CA ALA A 144 -4.93 7.31 13.66
C ALA A 144 -4.91 6.01 14.49
N LEU A 145 -5.66 5.00 14.07
CA LEU A 145 -5.58 3.68 14.69
C LEU A 145 -4.17 3.13 14.59
N ALA A 146 -3.59 3.18 13.39
CA ALA A 146 -2.23 2.71 13.19
C ALA A 146 -1.26 3.42 14.14
N LYS A 147 -1.38 4.73 14.24
CA LYS A 147 -0.52 5.51 15.13
C LYS A 147 -0.70 5.10 16.60
N LYS A 148 -1.94 4.94 17.05
CA LYS A 148 -2.23 4.47 18.40
C LYS A 148 -1.55 3.13 18.69
N ILE A 149 -1.75 2.17 17.79
CA ILE A 149 -1.16 0.85 17.94
C ILE A 149 0.36 0.89 17.97
N ALA A 150 0.95 1.65 17.05
CA ALA A 150 2.41 1.79 16.98
C ALA A 150 2.98 2.33 18.30
N ASN A 151 2.32 3.34 18.85
CA ASN A 151 2.75 3.92 20.12
CA ASN A 151 2.70 3.94 20.14
C ASN A 151 2.64 2.90 21.26
N GLU A 152 1.51 2.19 21.34
CA GLU A 152 1.33 1.14 22.35
C GLU A 152 2.32 -0.03 22.22
N GLN A 153 2.72 -0.37 21.00
CA GLN A 153 3.72 -1.43 20.76
C GLN A 153 5.16 -0.92 20.81
N HIS A 154 5.34 0.38 20.99
CA HIS A 154 6.67 1.02 20.97
C HIS A 154 7.38 0.78 19.65
N ILE A 155 6.62 0.93 18.57
CA ILE A 155 7.13 0.78 17.20
C ILE A 155 7.11 2.17 16.58
N ALA A 156 8.18 2.52 15.85
CA ALA A 156 8.19 3.75 15.08
C ALA A 156 7.21 3.58 13.92
N LEU A 157 6.43 4.61 13.65
CA LEU A 157 5.53 4.63 12.49
C LEU A 157 5.52 6.04 11.94
N LYS A 158 6.00 6.21 10.72
CA LYS A 158 5.96 7.50 10.06
C LYS A 158 4.66 7.66 9.27
N GLU A 159 4.27 8.90 9.07
CA GLU A 159 3.13 9.23 8.24
C GLU A 159 3.68 10.12 7.16
N GLY A 160 3.28 9.90 5.92
CA GLY A 160 3.76 10.77 4.86
C GLY A 160 3.18 10.47 3.50
N VAL A 161 3.67 11.19 2.51
CA VAL A 161 3.20 11.05 1.14
C VAL A 161 3.88 9.85 0.48
N ILE A 162 3.11 9.00 -0.18
CA ILE A 162 3.70 7.91 -0.94
C ILE A 162 3.43 8.16 -2.41
N ALA A 163 4.48 7.99 -3.21
CA ALA A 163 4.40 8.16 -4.64
C ALA A 163 4.31 6.80 -5.32
N SER A 164 3.36 6.65 -6.23
CA SER A 164 3.16 5.40 -6.93
C SER A 164 3.31 5.60 -8.44
N GLY A 165 3.97 4.66 -9.10
CA GLY A 165 4.07 4.70 -10.54
C GLY A 165 4.38 3.33 -11.10
N ASP A 166 4.50 3.23 -12.42
CA ASP A 166 4.69 1.93 -13.05
C ASP A 166 6.15 1.65 -13.42
N GLN A 167 7.07 2.24 -12.65
CA GLN A 167 8.48 1.97 -12.78
C GLN A 167 9.05 1.61 -11.41
N PHE A 168 9.94 0.64 -11.38
CA PHE A 168 10.75 0.40 -10.20
C PHE A 168 11.83 1.46 -10.19
N VAL A 169 11.88 2.26 -9.13
CA VAL A 169 12.75 3.41 -9.07
C VAL A 169 14.09 2.99 -8.47
N HIS A 170 15.16 3.27 -9.20
CA HIS A 170 16.51 2.87 -8.77
C HIS A 170 17.55 3.86 -9.27
N SER A 171 17.30 5.14 -9.02
CA SER A 171 18.20 6.19 -9.46
C SER A 171 18.08 7.40 -8.56
N LYS A 172 19.21 8.04 -8.34
CA LYS A 172 19.26 9.24 -7.52
C LYS A 172 18.45 10.35 -8.18
N GLU A 173 18.54 10.47 -9.50
CA GLU A 173 17.81 11.50 -10.24
C GLU A 173 16.30 11.38 -10.04
N ARG A 174 15.75 10.17 -10.15
CA ARG A 174 14.30 10.00 -9.96
C ARG A 174 13.89 10.24 -8.51
N LYS A 175 14.67 9.77 -7.52
CA LYS A 175 14.40 10.10 -6.11
C LYS A 175 14.29 11.60 -5.87
N GLU A 176 15.24 12.35 -6.41
CA GLU A 176 15.27 13.79 -6.22
C GLU A 176 14.03 14.45 -6.78
N PHE A 177 13.59 13.96 -7.95
CA PHE A 177 12.36 14.46 -8.55
C PHE A 177 11.14 14.20 -7.65
N LEU A 178 11.06 13.01 -7.08
CA LEU A 178 9.91 12.64 -6.25
C LEU A 178 9.85 13.49 -4.98
N VAL A 179 11.02 13.75 -4.40
CA VAL A 179 11.11 14.59 -3.22
C VAL A 179 10.77 16.05 -3.56
N SER A 180 11.32 16.58 -4.64
CA SER A 180 11.11 17.99 -4.94
C SER A 180 9.70 18.26 -5.46
N GLU A 181 9.20 17.38 -6.31
CA GLU A 181 7.90 17.62 -6.94
C GLU A 181 6.72 17.36 -6.00
N PHE A 182 6.79 16.29 -5.22
CA PHE A 182 5.64 15.83 -4.44
C PHE A 182 5.87 15.74 -2.93
N LYS A 183 7.10 16.00 -2.50
CA LYS A 183 7.49 15.82 -1.10
C LYS A 183 7.16 14.41 -0.59
N ALA A 184 7.37 13.41 -1.44
CA ALA A 184 7.09 12.02 -1.09
C ALA A 184 8.12 11.50 -0.09
N SER A 185 7.70 10.59 0.77
CA SER A 185 8.60 9.92 1.71
C SER A 185 8.98 8.51 1.25
N ALA A 186 8.14 7.91 0.40
CA ALA A 186 8.41 6.57 -0.08
C ALA A 186 7.81 6.41 -1.47
N VAL A 187 8.27 5.37 -2.17
CA VAL A 187 7.82 5.10 -3.52
C VAL A 187 7.43 3.62 -3.67
N GLU A 188 6.38 3.37 -4.45
CA GLU A 188 5.94 2.01 -4.71
C GLU A 188 5.12 2.05 -6.01
N MET A 189 4.34 1.01 -6.30
CA MET A 189 3.73 0.93 -7.62
C MET A 189 2.22 0.67 -7.62
N GLU A 190 1.59 0.77 -6.46
CA GLU A 190 0.19 0.35 -6.30
C GLU A 190 -0.67 1.19 -5.38
N GLY A 191 -0.08 1.85 -4.39
CA GLY A 191 -0.85 2.54 -3.37
C GLY A 191 -1.85 3.58 -3.88
N ALA A 192 -1.38 4.45 -4.76
CA ALA A 192 -2.22 5.51 -5.31
C ALA A 192 -3.44 4.94 -6.04
N SER A 193 -3.27 3.84 -6.78
CA SER A 193 -4.41 3.26 -7.47
C SER A 193 -5.41 2.63 -6.50
N VAL A 194 -4.92 1.96 -5.47
CA VAL A 194 -5.80 1.37 -4.47
C VAL A 194 -6.58 2.49 -3.77
N ALA A 195 -5.87 3.53 -3.33
CA ALA A 195 -6.52 4.66 -2.64
C ALA A 195 -7.49 5.40 -3.53
N PHE A 196 -7.14 5.55 -4.81
CA PHE A 196 -8.00 6.23 -5.77
C PHE A 196 -9.35 5.52 -5.90
N VAL A 197 -9.30 4.23 -6.16
CA VAL A 197 -10.52 3.42 -6.30
C VAL A 197 -11.36 3.52 -5.04
N CYS A 198 -10.74 3.33 -3.87
CA CYS A 198 -11.47 3.38 -2.61
C CYS A 198 -12.19 4.70 -2.43
N GLN A 199 -11.52 5.79 -2.77
CA GLN A 199 -12.10 7.09 -2.63
C GLN A 199 -13.32 7.28 -3.55
N LYS A 200 -13.24 6.75 -4.77
CA LYS A 200 -14.35 6.83 -5.72
C LYS A 200 -15.61 6.13 -5.21
N PHE A 201 -15.42 5.08 -4.43
CA PHE A 201 -16.54 4.27 -3.91
C PHE A 201 -16.86 4.54 -2.45
N GLY A 202 -16.23 5.56 -1.87
CA GLY A 202 -16.48 5.92 -0.46
C GLY A 202 -16.03 4.88 0.55
N VAL A 203 -14.96 4.14 0.23
CA VAL A 203 -14.50 3.05 1.07
C VAL A 203 -13.23 3.47 1.81
N PRO A 204 -13.22 3.34 3.16
CA PRO A 204 -12.02 3.70 3.90
C PRO A 204 -10.82 2.86 3.48
N CYS A 205 -9.67 3.50 3.34
CA CYS A 205 -8.47 2.87 2.85
C CYS A 205 -7.28 3.25 3.72
N CYS A 206 -6.43 2.27 4.01
CA CYS A 206 -5.14 2.52 4.68
C CYS A 206 -4.05 1.81 3.87
N VAL A 207 -2.99 2.54 3.54
CA VAL A 207 -1.85 2.01 2.82
C VAL A 207 -0.65 1.99 3.76
N LEU A 208 -0.21 0.78 4.08
CA LEU A 208 0.86 0.53 5.03
C LEU A 208 2.02 -0.12 4.29
N ARG A 209 3.23 0.40 4.47
CA ARG A 209 4.40 -0.12 3.78
C ARG A 209 5.58 -0.25 4.74
N SER A 210 6.42 -1.26 4.53
CA SER A 210 7.70 -1.41 5.24
C SER A 210 8.81 -1.29 4.24
N ILE A 211 9.84 -0.52 4.59
CA ILE A 211 10.90 -0.19 3.65
C ILE A 211 11.74 -1.42 3.30
N SER A 212 11.92 -1.65 1.99
CA SER A 212 12.76 -2.74 1.47
C SER A 212 14.07 -2.27 0.83
N ASP A 213 14.14 -0.99 0.48
CA ASP A 213 15.29 -0.47 -0.26
C ASP A 213 15.23 1.04 -0.24
N ASN A 214 16.27 1.68 -0.79
CA ASN A 214 16.38 3.14 -0.82
C ASN A 214 16.14 3.76 -2.20
N ALA A 215 15.57 2.99 -3.13
CA ALA A 215 15.11 3.50 -4.42
C ALA A 215 16.23 4.12 -5.25
N ASP A 216 17.45 3.62 -5.04
CA ASP A 216 18.64 4.16 -5.65
C ASP A 216 19.28 3.08 -6.53
N GLU A 217 20.52 3.31 -6.97
N GLU A 217 20.52 3.30 -6.97
CA GLU A 217 21.18 2.37 -7.86
CA GLU A 217 21.19 2.35 -7.86
C GLU A 217 21.34 0.96 -7.23
C GLU A 217 21.32 0.95 -7.23
N LYS A 218 21.27 0.88 -5.90
CA LYS A 218 21.36 -0.40 -5.18
C LYS A 218 20.02 -1.06 -4.84
N ALA A 219 18.92 -0.48 -5.35
CA ALA A 219 17.58 -0.87 -4.90
C ALA A 219 17.21 -2.31 -5.24
N GLY A 220 17.58 -2.78 -6.43
CA GLY A 220 17.29 -4.16 -6.84
C GLY A 220 17.87 -5.17 -5.87
N MET A 221 19.15 -4.97 -5.55
CA MET A 221 19.87 -5.74 -4.53
C MET A 221 19.19 -5.76 -3.19
N SER A 222 18.89 -4.58 -2.68
CA SER A 222 18.30 -4.42 -1.36
C SER A 222 16.92 -5.07 -1.32
N PHE A 223 16.14 -4.82 -2.37
CA PHE A 223 14.80 -5.40 -2.50
C PHE A 223 14.85 -6.92 -2.43
N ASP A 224 15.73 -7.54 -3.21
CA ASP A 224 15.89 -9.00 -3.17
C ASP A 224 16.23 -9.52 -1.77
N GLU A 225 17.09 -8.77 -1.06
CA GLU A 225 17.51 -9.15 0.29
C GLU A 225 16.39 -9.03 1.31
N PHE A 226 15.63 -7.93 1.24
CA PHE A 226 14.72 -7.57 2.32
C PHE A 226 13.23 -7.76 2.05
N LEU A 227 12.84 -8.21 0.86
CA LEU A 227 11.43 -8.38 0.51
C LEU A 227 10.69 -9.22 1.56
N GLU A 228 11.24 -10.39 1.87
CA GLU A 228 10.57 -11.31 2.79
C GLU A 228 10.42 -10.69 4.18
N LYS A 229 11.50 -10.17 4.72
CA LYS A 229 11.47 -9.63 6.08
C LYS A 229 10.59 -8.39 6.18
N SER A 230 10.72 -7.49 5.21
CA SER A 230 9.93 -6.26 5.23
C SER A 230 8.46 -6.58 5.02
N ALA A 231 8.15 -7.54 4.16
CA ALA A 231 6.75 -7.96 3.95
C ALA A 231 6.15 -8.52 5.24
N HIS A 232 6.94 -9.28 5.97
CA HIS A 232 6.50 -9.86 7.20
C HIS A 232 6.23 -8.77 8.24
N THR A 233 7.11 -7.78 8.29
CA THR A 233 6.93 -6.66 9.22
C THR A 233 5.61 -5.91 8.96
N SER A 234 5.34 -5.61 7.69
CA SER A 234 4.10 -4.96 7.31
C SER A 234 2.89 -5.83 7.66
N ALA A 235 2.95 -7.11 7.29
CA ALA A 235 1.86 -8.06 7.55
C ALA A 235 1.51 -8.16 9.03
N LYS A 236 2.54 -8.30 9.86
CA LYS A 236 2.36 -8.35 11.30
C LYS A 236 1.66 -7.09 11.82
N PHE A 237 2.05 -5.93 11.32
CA PHE A 237 1.41 -4.70 11.75
C PHE A 237 -0.05 -4.63 11.26
N LEU A 238 -0.29 -5.05 10.02
CA LEU A 238 -1.64 -5.06 9.49
C LEU A 238 -2.52 -5.94 10.35
N LYS A 239 -2.01 -7.09 10.78
CA LYS A 239 -2.80 -7.98 11.62
C LYS A 239 -3.16 -7.29 12.94
N SER A 240 -2.20 -6.58 13.53
CA SER A 240 -2.44 -5.85 14.78
C SER A 240 -3.54 -4.79 14.61
N MET A 241 -3.64 -4.21 13.42
CA MET A 241 -4.74 -3.28 13.10
C MET A 241 -6.08 -3.99 13.03
N VAL A 242 -6.11 -5.10 12.29
CA VAL A 242 -7.35 -5.88 12.14
C VAL A 242 -7.83 -6.36 13.52
N ASP A 243 -6.90 -6.68 14.42
CA ASP A 243 -7.26 -7.10 15.77
C ASP A 243 -8.02 -6.02 16.55
N GLU A 244 -7.83 -4.75 16.19
CA GLU A 244 -8.53 -3.64 16.84
C GLU A 244 -9.75 -3.13 16.08
N LEU A 245 -10.02 -3.66 14.90
CA LEU A 245 -11.18 -3.23 14.13
C LEU A 245 -12.42 -4.02 14.54
C GMD B . 11.24 -9.26 -9.98
OXT GMD B . 10.27 -9.80 -10.87
CA GMD B . 10.51 -8.45 -8.92
CB GMD B . 9.85 -7.19 -9.48
CG GMD B . 9.45 -6.32 -8.29
S5' GMD B . 8.87 -4.71 -8.71
C5' GMD B . 8.74 -3.93 -7.14
C4' GMD B . 7.51 -4.38 -6.35
C1' GMD B . 7.66 -3.95 -4.90
C3' GMD B . 6.25 -3.69 -6.82
O3' GMD B . 5.07 -4.39 -6.40
C2' GMD B . 6.28 -2.37 -6.07
N1' GMD B . 6.68 -2.85 -4.73
C10 GMD B . 7.14 -1.75 -3.86
C9 GMD B . 8.52 -1.19 -4.07
C8 GMD B . 9.65 -1.44 -3.26
N7 GMD B . 10.73 -0.73 -3.70
C5 GMD B . 10.40 0.00 -4.79
C4 GMD B . 9.00 -0.24 -5.07
N3 GMD B . 8.37 0.37 -6.11
C2 GMD B . 9.07 1.20 -6.91
N1 GMD B . 10.40 1.49 -6.72
C6 GMD B . 11.10 0.93 -5.69
N6 GMD B . 12.42 1.21 -5.50
#